data_3TCV
#
_entry.id   3TCV
#
_cell.length_a   102.490
_cell.length_b   66.860
_cell.length_c   91.690
_cell.angle_alpha   90.000
_cell.angle_beta   107.510
_cell.angle_gamma   90.000
#
_symmetry.space_group_name_H-M   'C 1 2 1'
#
loop_
_entity.id
_entity.type
_entity.pdbx_description
1 polymer 'GCN5-related N-acetyltransferase'
2 water water
#
_entity_poly.entity_id   1
_entity_poly.type   'polypeptide(L)'
_entity_poly.pdbx_seq_one_letter_code
;MAHHHHHHMGTLEAQTQGPGSMTDLQNWTPRPKPERKIFEGRYVRLEPLNAQKHGDELFAASSVEDAEQRFTWLFETPPA
TRAEFEPWLDKASKSDDPLFFAVIDKASGKVAGRQALMRIDPANGVIEIGSIYWGPLISRRPAATEAQFLFMQYVFDVLG
YRRYEWECHNENGPSRRAAERFGFRFEGIFRQHMVVKGRNRDTAWFSVLDSEWPALKQAYQAWLAPENFDSAGQQKKTLQ
EFRDLG
;
_entity_poly.pdbx_strand_id   A,B
#
# COMPACT_ATOMS: atom_id res chain seq x y z
N LEU A 25 -8.08 -20.88 3.62
CA LEU A 25 -8.56 -19.89 2.59
C LEU A 25 -8.61 -20.51 1.20
N GLN A 26 -8.59 -21.84 1.17
CA GLN A 26 -8.74 -22.62 -0.04
C GLN A 26 -9.93 -22.17 -0.91
N ASN A 27 -11.00 -21.72 -0.26
CA ASN A 27 -12.24 -21.40 -0.91
C ASN A 27 -12.41 -19.91 -1.22
N TRP A 28 -11.43 -19.12 -0.78
CA TRP A 28 -11.51 -17.68 -0.96
C TRP A 28 -11.67 -17.30 -2.43
N THR A 29 -12.62 -16.41 -2.71
CA THR A 29 -12.79 -15.80 -4.03
C THR A 29 -12.65 -14.28 -3.95
N PRO A 30 -12.53 -13.60 -5.11
CA PRO A 30 -12.68 -12.16 -5.10
C PRO A 30 -14.02 -11.78 -4.50
N ARG A 31 -14.04 -10.59 -3.88
CA ARG A 31 -15.26 -10.05 -3.30
C ARG A 31 -15.90 -9.04 -4.26
N PRO A 32 -17.19 -8.71 -4.07
CA PRO A 32 -17.78 -7.62 -4.89
C PRO A 32 -17.15 -6.25 -4.63
N LYS A 33 -17.20 -5.36 -5.64
CA LYS A 33 -16.88 -3.95 -5.48
CA LYS A 33 -16.85 -3.97 -5.42
C LYS A 33 -17.97 -3.29 -4.64
N PRO A 34 -17.64 -2.21 -3.91
CA PRO A 34 -18.69 -1.43 -3.23
C PRO A 34 -19.58 -0.75 -4.25
N GLU A 35 -20.84 -0.48 -3.87
CA GLU A 35 -21.78 0.16 -4.78
C GLU A 35 -22.30 1.47 -4.20
N ARG A 36 -22.81 2.31 -5.10
CA ARG A 36 -23.48 3.53 -4.67
C ARG A 36 -24.84 3.15 -4.08
N LYS A 37 -24.96 3.13 -2.78
CA LYS A 37 -26.28 2.95 -2.19
C LYS A 37 -26.36 3.85 -0.97
N ILE A 38 -27.57 3.98 -0.42
CA ILE A 38 -27.78 4.77 0.78
CA ILE A 38 -27.79 4.77 0.77
C ILE A 38 -27.59 3.88 2.02
N PHE A 39 -26.94 4.43 3.03
CA PHE A 39 -26.77 3.76 4.33
C PHE A 39 -27.46 4.62 5.38
N GLU A 40 -28.44 4.05 6.06
CA GLU A 40 -29.29 4.80 6.99
C GLU A 40 -29.01 4.32 8.42
N GLY A 41 -28.48 5.19 9.26
CA GLY A 41 -28.35 4.89 10.66
C GLY A 41 -29.34 5.63 11.55
N ARG A 42 -29.06 5.57 12.84
CA ARG A 42 -29.82 6.26 13.87
CA ARG A 42 -29.87 6.30 13.84
C ARG A 42 -29.55 7.78 13.86
N TYR A 43 -28.28 8.13 13.61
CA TYR A 43 -27.77 9.48 13.74
C TYR A 43 -27.40 10.10 12.41
N VAL A 44 -27.00 9.27 11.45
CA VAL A 44 -26.44 9.74 10.19
C VAL A 44 -27.00 8.92 9.05
N ARG A 45 -26.99 9.53 7.87
CA ARG A 45 -27.37 8.93 6.63
C ARG A 45 -26.21 9.17 5.69
N LEU A 46 -25.76 8.14 4.96
CA LEU A 46 -24.70 8.29 3.97
C LEU A 46 -25.30 8.18 2.57
N GLU A 47 -25.07 9.19 1.74
CA GLU A 47 -25.63 9.18 0.39
C GLU A 47 -24.49 9.29 -0.61
N PRO A 48 -24.56 8.53 -1.70
CA PRO A 48 -23.54 8.65 -2.74
C PRO A 48 -23.40 10.10 -3.16
N LEU A 49 -22.16 10.60 -3.20
CA LEU A 49 -21.97 12.03 -3.36
C LEU A 49 -22.47 12.50 -4.71
N ASN A 50 -23.22 13.59 -4.70
CA ASN A 50 -23.81 14.15 -5.89
C ASN A 50 -23.66 15.66 -5.85
N ALA A 51 -23.04 16.22 -6.88
CA ALA A 51 -22.73 17.64 -6.93
C ALA A 51 -23.97 18.52 -6.77
N GLN A 52 -25.01 18.22 -7.55
CA GLN A 52 -26.23 19.01 -7.51
C GLN A 52 -26.96 18.88 -6.19
N LYS A 53 -27.06 17.66 -5.68
CA LYS A 53 -27.82 17.41 -4.47
C LYS A 53 -27.09 17.92 -3.22
N HIS A 54 -25.78 17.71 -3.15
CA HIS A 54 -25.02 17.95 -1.90
C HIS A 54 -24.11 19.16 -1.93
N GLY A 55 -23.88 19.74 -3.11
CA GLY A 55 -22.79 20.69 -3.31
C GLY A 55 -22.90 21.93 -2.42
N ASP A 56 -24.08 22.57 -2.38
CA ASP A 56 -24.20 23.82 -1.63
C ASP A 56 -24.06 23.59 -0.14
N GLU A 57 -24.68 22.52 0.38
CA GLU A 57 -24.57 22.23 1.81
C GLU A 57 -23.15 21.74 2.17
N LEU A 58 -22.53 20.94 1.32
CA LEU A 58 -21.21 20.42 1.64
C LEU A 58 -20.21 21.56 1.58
N PHE A 59 -20.39 22.47 0.63
CA PHE A 59 -19.52 23.66 0.58
C PHE A 59 -19.64 24.48 1.85
N ALA A 60 -20.87 24.70 2.33
CA ALA A 60 -21.07 25.42 3.56
C ALA A 60 -20.31 24.78 4.72
N ALA A 61 -20.42 23.46 4.84
CA ALA A 61 -19.76 22.68 5.89
C ALA A 61 -18.24 22.71 5.74
N SER A 62 -17.77 22.86 4.49
CA SER A 62 -16.36 22.87 4.13
C SER A 62 -15.73 24.23 4.18
N SER A 63 -16.53 25.26 4.49
CA SER A 63 -16.06 26.64 4.58
C SER A 63 -16.37 27.25 5.92
N VAL A 64 -16.43 26.39 6.94
CA VAL A 64 -16.63 26.84 8.31
C VAL A 64 -15.42 27.62 8.81
N GLU A 65 -15.59 28.23 9.97
CA GLU A 65 -14.57 29.16 10.47
C GLU A 65 -13.18 28.49 10.67
N ASP A 66 -13.19 27.22 11.05
CA ASP A 66 -11.97 26.46 11.30
C ASP A 66 -11.67 25.46 10.17
N ALA A 67 -12.11 25.78 8.94
CA ALA A 67 -11.90 24.86 7.82
C ALA A 67 -10.42 24.65 7.59
N GLU A 68 -9.62 25.69 7.72
CA GLU A 68 -8.17 25.50 7.53
C GLU A 68 -7.59 24.44 8.46
N GLN A 69 -7.90 24.51 9.75
CA GLN A 69 -7.41 23.50 10.70
C GLN A 69 -7.95 22.11 10.31
N ARG A 70 -9.23 22.04 9.96
CA ARG A 70 -9.86 20.76 9.61
C ARG A 70 -9.24 20.12 8.36
N PHE A 71 -8.76 20.94 7.43
CA PHE A 71 -8.21 20.42 6.17
C PHE A 71 -6.70 20.24 6.21
N THR A 72 -6.04 20.56 7.33
CA THR A 72 -4.57 20.54 7.39
C THR A 72 -3.92 19.32 6.76
N TRP A 73 -4.39 18.13 7.15
CA TRP A 73 -3.74 16.88 6.73
CA TRP A 73 -3.74 16.87 6.74
C TRP A 73 -4.48 16.17 5.64
N LEU A 74 -5.54 16.79 5.13
CA LEU A 74 -6.25 16.26 3.97
C LEU A 74 -5.45 16.56 2.70
N PHE A 75 -5.74 15.83 1.63
CA PHE A 75 -5.11 16.13 0.36
C PHE A 75 -5.64 17.42 -0.24
N GLU A 76 -6.86 17.77 0.13
CA GLU A 76 -7.55 18.94 -0.41
C GLU A 76 -7.19 20.18 0.41
N THR A 77 -7.33 21.36 -0.20
CA THR A 77 -7.36 22.59 0.61
C THR A 77 -8.81 23.07 0.78
N PRO A 78 -9.09 23.86 1.84
CA PRO A 78 -10.46 24.30 1.98
C PRO A 78 -10.86 25.20 0.82
N PRO A 79 -12.06 25.00 0.31
CA PRO A 79 -12.55 25.80 -0.82
C PRO A 79 -12.91 27.21 -0.38
N ALA A 80 -12.37 28.22 -1.08
CA ALA A 80 -12.61 29.63 -0.72
C ALA A 80 -14.02 30.06 -1.17
N THR A 81 -14.48 29.50 -2.28
CA THR A 81 -15.76 29.84 -2.86
C THR A 81 -16.43 28.58 -3.44
N ARG A 82 -17.75 28.67 -3.57
CA ARG A 82 -18.54 27.60 -4.15
C ARG A 82 -18.03 27.24 -5.53
N ALA A 83 -17.73 28.25 -6.35
CA ALA A 83 -17.22 28.00 -7.70
C ALA A 83 -15.90 27.26 -7.70
N GLU A 84 -15.00 27.67 -6.81
CA GLU A 84 -13.70 27.03 -6.70
C GLU A 84 -13.79 25.60 -6.17
N PHE A 85 -14.87 25.28 -5.46
CA PHE A 85 -15.15 23.92 -4.96
C PHE A 85 -15.62 22.95 -6.07
N GLU A 86 -16.20 23.47 -7.14
CA GLU A 86 -16.85 22.62 -8.14
C GLU A 86 -15.96 21.54 -8.78
N PRO A 87 -14.70 21.87 -9.14
CA PRO A 87 -13.88 20.81 -9.76
C PRO A 87 -13.66 19.59 -8.88
N TRP A 88 -13.34 19.83 -7.63
CA TRP A 88 -13.14 18.71 -6.70
C TRP A 88 -14.44 17.97 -6.48
N LEU A 89 -15.53 18.69 -6.36
CA LEU A 89 -16.81 18.09 -6.06
C LEU A 89 -17.27 17.23 -7.24
N ASP A 90 -17.11 17.75 -8.45
CA ASP A 90 -17.55 17.02 -9.63
C ASP A 90 -16.70 15.73 -9.80
N LYS A 91 -15.39 15.86 -9.67
CA LYS A 91 -14.50 14.72 -9.77
C LYS A 91 -14.82 13.67 -8.70
N ALA A 92 -14.99 14.13 -7.46
CA ALA A 92 -15.33 13.24 -6.34
C ALA A 92 -16.69 12.56 -6.51
N SER A 93 -17.66 13.27 -7.07
CA SER A 93 -19.00 12.71 -7.30
C SER A 93 -18.98 11.60 -8.32
N LYS A 94 -18.10 11.74 -9.32
CA LYS A 94 -18.01 10.77 -10.45
C LYS A 94 -17.03 9.63 -10.20
N SER A 95 -16.13 9.79 -9.23
CA SER A 95 -15.05 8.84 -8.96
C SER A 95 -15.63 7.49 -8.51
N ASP A 96 -15.02 6.39 -8.97
CA ASP A 96 -15.34 5.06 -8.45
C ASP A 96 -14.34 4.62 -7.40
N ASP A 97 -13.17 5.25 -7.39
CA ASP A 97 -12.17 5.02 -6.34
C ASP A 97 -11.27 6.24 -6.19
N PRO A 98 -11.45 7.05 -5.11
CA PRO A 98 -12.36 6.83 -4.00
C PRO A 98 -13.83 6.89 -4.38
N LEU A 99 -14.64 6.13 -3.67
CA LEU A 99 -16.08 6.14 -3.85
C LEU A 99 -16.64 6.98 -2.69
N PHE A 100 -17.13 8.19 -3.02
CA PHE A 100 -17.47 9.21 -2.04
C PHE A 100 -18.94 9.20 -1.63
N PHE A 101 -19.15 9.52 -0.37
CA PHE A 101 -20.47 9.65 0.22
C PHE A 101 -20.55 10.95 0.98
N ALA A 102 -21.67 11.64 0.81
CA ALA A 102 -22.04 12.72 1.70
C ALA A 102 -22.51 12.14 3.02
N VAL A 103 -22.09 12.78 4.11
CA VAL A 103 -22.49 12.36 5.47
C VAL A 103 -23.56 13.36 5.91
N ILE A 104 -24.81 12.89 6.00
CA ILE A 104 -25.93 13.75 6.39
C ILE A 104 -26.19 13.55 7.87
N ASP A 105 -26.12 14.62 8.63
CA ASP A 105 -26.49 14.62 10.03
C ASP A 105 -28.03 14.56 10.12
N LYS A 106 -28.58 13.47 10.65
CA LYS A 106 -30.05 13.32 10.62
C LYS A 106 -30.80 14.37 11.47
N ALA A 107 -30.24 14.74 12.62
CA ALA A 107 -30.96 15.66 13.53
C ALA A 107 -31.14 17.02 12.85
N SER A 108 -30.03 17.59 12.36
CA SER A 108 -30.06 18.89 11.70
C SER A 108 -30.65 18.75 10.30
N GLY A 109 -30.48 17.56 9.72
CA GLY A 109 -30.87 17.28 8.34
C GLY A 109 -29.88 17.72 7.28
N LYS A 110 -28.72 18.19 7.69
CA LYS A 110 -27.78 18.84 6.79
C LYS A 110 -26.64 17.90 6.43
N VAL A 111 -26.12 18.13 5.23
CA VAL A 111 -24.84 17.58 4.86
C VAL A 111 -23.80 18.16 5.78
N ALA A 112 -23.06 17.29 6.44
CA ALA A 112 -22.17 17.67 7.50
C ALA A 112 -20.70 17.36 7.23
N GLY A 113 -20.45 16.63 6.15
CA GLY A 113 -19.12 16.15 5.82
C GLY A 113 -19.17 15.15 4.68
N ARG A 114 -18.06 14.45 4.46
CA ARG A 114 -17.96 13.49 3.40
C ARG A 114 -16.85 12.49 3.73
N GLN A 115 -16.89 11.34 3.08
CA GLN A 115 -15.97 10.24 3.33
C GLN A 115 -16.05 9.25 2.19
N ALA A 116 -15.04 8.38 2.07
CA ALA A 116 -14.95 7.48 0.92
C ALA A 116 -14.46 6.08 1.29
N LEU A 117 -14.90 5.11 0.48
CA LEU A 117 -14.31 3.79 0.44
C LEU A 117 -13.34 3.87 -0.71
N MET A 118 -12.13 3.39 -0.48
CA MET A 118 -11.07 3.62 -1.47
C MET A 118 -9.99 2.56 -1.42
N ARG A 119 -9.09 2.66 -2.38
CA ARG A 119 -7.99 1.69 -2.54
C ARG A 119 -8.61 0.27 -2.49
N ILE A 120 -9.60 0.10 -3.36
CA ILE A 120 -10.45 -1.08 -3.37
C ILE A 120 -9.70 -2.25 -4.01
N ASP A 121 -9.54 -3.33 -3.26
CA ASP A 121 -8.89 -4.56 -3.73
C ASP A 121 -9.87 -5.72 -3.61
N PRO A 122 -10.68 -5.89 -4.64
CA PRO A 122 -11.65 -6.99 -4.55
C PRO A 122 -11.04 -8.40 -4.49
N ALA A 123 -9.93 -8.63 -5.20
CA ALA A 123 -9.32 -9.94 -5.23
C ALA A 123 -8.97 -10.43 -3.83
N ASN A 124 -8.39 -9.53 -3.02
CA ASN A 124 -7.91 -9.88 -1.70
C ASN A 124 -8.87 -9.45 -0.58
N GLY A 125 -9.97 -8.79 -0.95
CA GLY A 125 -10.93 -8.28 0.05
C GLY A 125 -10.30 -7.28 1.00
N VAL A 126 -9.58 -6.33 0.44
CA VAL A 126 -8.98 -5.22 1.22
C VAL A 126 -9.55 -3.91 0.71
N ILE A 127 -9.84 -2.99 1.64
CA ILE A 127 -10.44 -1.70 1.32
C ILE A 127 -10.11 -0.72 2.46
N GLU A 128 -10.08 0.56 2.14
CA GLU A 128 -9.76 1.62 3.07
C GLU A 128 -10.96 2.56 3.25
N ILE A 129 -11.19 3.02 4.47
CA ILE A 129 -12.03 4.21 4.68
C ILE A 129 -11.11 5.39 4.74
N GLY A 130 -11.32 6.35 3.85
CA GLY A 130 -10.48 7.52 3.77
C GLY A 130 -11.19 8.75 3.26
N SER A 131 -10.38 9.74 2.93
CA SER A 131 -10.83 11.07 2.53
CA SER A 131 -10.81 11.09 2.54
C SER A 131 -11.94 11.58 3.41
N ILE A 132 -11.69 11.51 4.73
CA ILE A 132 -12.70 11.84 5.71
C ILE A 132 -12.66 13.34 6.02
N TYR A 133 -13.79 14.02 5.84
CA TYR A 133 -13.98 15.37 6.32
C TYR A 133 -15.25 15.38 7.12
N TRP A 134 -15.13 15.52 8.42
CA TRP A 134 -16.30 15.59 9.26
C TRP A 134 -16.38 16.96 9.90
N GLY A 135 -17.40 17.73 9.52
CA GLY A 135 -17.53 19.10 9.94
C GLY A 135 -18.11 19.22 11.33
N PRO A 136 -18.30 20.46 11.78
CA PRO A 136 -18.62 20.70 13.20
C PRO A 136 -19.99 20.19 13.62
N LEU A 137 -20.90 19.88 12.69
CA LEU A 137 -22.21 19.33 13.11
C LEU A 137 -22.06 17.92 13.70
N ILE A 138 -21.04 17.20 13.27
CA ILE A 138 -20.88 15.80 13.65
C ILE A 138 -19.54 15.42 14.30
N SER A 139 -18.47 16.23 14.15
CA SER A 139 -17.17 15.81 14.66
C SER A 139 -17.28 15.67 16.18
N ARG A 140 -16.67 14.62 16.72
CA ARG A 140 -16.74 14.40 18.17
C ARG A 140 -18.21 14.23 18.71
N ARG A 141 -19.15 13.86 17.83
CA ARG A 141 -20.50 13.51 18.23
C ARG A 141 -20.80 12.09 17.75
N PRO A 142 -21.87 11.49 18.28
CA PRO A 142 -22.17 10.11 17.88
C PRO A 142 -22.30 9.88 16.39
N ALA A 143 -22.83 10.87 15.67
CA ALA A 143 -22.95 10.78 14.23
C ALA A 143 -21.65 10.39 13.54
N ALA A 144 -20.53 10.98 13.95
CA ALA A 144 -19.24 10.63 13.33
C ALA A 144 -18.86 9.15 13.54
N THR A 145 -19.07 8.63 14.75
CA THR A 145 -18.77 7.24 15.02
C THR A 145 -19.67 6.34 14.19
N GLU A 146 -20.93 6.73 14.06
CA GLU A 146 -21.86 5.93 13.25
C GLU A 146 -21.50 5.97 11.74
N ALA A 147 -21.01 7.11 11.25
CA ALA A 147 -20.57 7.24 9.85
C ALA A 147 -19.50 6.18 9.54
N GLN A 148 -18.55 6.01 10.46
CA GLN A 148 -17.52 4.98 10.39
C GLN A 148 -18.15 3.57 10.48
N PHE A 149 -19.01 3.35 11.47
CA PHE A 149 -19.72 2.08 11.70
C PHE A 149 -20.46 1.62 10.42
N LEU A 150 -21.17 2.52 9.74
CA LEU A 150 -22.02 2.09 8.62
C LEU A 150 -21.15 1.56 7.47
N PHE A 151 -20.02 2.19 7.24
CA PHE A 151 -19.05 1.69 6.25
C PHE A 151 -18.49 0.33 6.73
N MET A 152 -18.15 0.23 8.01
CA MET A 152 -17.49 -0.97 8.53
C MET A 152 -18.44 -2.18 8.43
N GLN A 153 -19.68 -1.99 8.82
CA GLN A 153 -20.71 -3.00 8.64
C GLN A 153 -20.90 -3.42 7.20
N TYR A 154 -20.91 -2.45 6.29
CA TYR A 154 -21.10 -2.79 4.85
C TYR A 154 -19.93 -3.65 4.35
N VAL A 155 -18.72 -3.22 4.68
CA VAL A 155 -17.50 -3.88 4.22
C VAL A 155 -17.44 -5.34 4.72
N PHE A 156 -17.78 -5.57 5.98
CA PHE A 156 -17.65 -6.90 6.57
C PHE A 156 -18.91 -7.81 6.38
N ASP A 157 -20.10 -7.29 6.68
CA ASP A 157 -21.29 -8.12 6.67
C ASP A 157 -21.91 -8.23 5.27
N VAL A 158 -21.73 -7.25 4.40
CA VAL A 158 -22.33 -7.32 3.06
C VAL A 158 -21.33 -7.70 1.98
N LEU A 159 -20.21 -7.00 1.90
CA LEU A 159 -19.18 -7.27 0.88
C LEU A 159 -18.27 -8.45 1.21
N GLY A 160 -18.19 -8.84 2.50
CA GLY A 160 -17.37 -9.99 2.88
C GLY A 160 -15.86 -9.76 2.83
N TYR A 161 -15.42 -8.50 3.00
CA TYR A 161 -13.99 -8.18 2.95
C TYR A 161 -13.27 -8.69 4.20
N ARG A 162 -11.94 -8.84 4.13
CA ARG A 162 -11.21 -9.43 5.26
C ARG A 162 -10.20 -8.48 5.92
N ARG A 163 -9.95 -7.32 5.30
CA ARG A 163 -9.03 -6.33 5.88
C ARG A 163 -9.54 -4.94 5.55
N TYR A 164 -9.73 -4.15 6.60
CA TYR A 164 -10.31 -2.80 6.51
C TYR A 164 -9.26 -1.81 7.03
N GLU A 165 -8.81 -0.88 6.16
CA GLU A 165 -7.64 -0.04 6.42
C GLU A 165 -7.95 1.40 6.78
N TRP A 166 -7.10 1.98 7.60
CA TRP A 166 -7.09 3.41 7.88
C TRP A 166 -5.67 3.86 7.73
N GLU A 167 -5.46 4.94 7.01
CA GLU A 167 -4.10 5.53 6.88
C GLU A 167 -4.18 7.04 6.96
N CYS A 168 -3.14 7.61 7.55
CA CYS A 168 -3.07 9.04 7.72
C CYS A 168 -1.62 9.50 7.83
N HIS A 169 -1.44 10.80 7.66
CA HIS A 169 -0.17 11.42 7.98
C HIS A 169 0.21 11.10 9.37
N ASN A 170 1.47 10.72 9.55
CA ASN A 170 1.95 10.37 10.85
C ASN A 170 1.83 11.49 11.90
N GLU A 171 1.80 12.74 11.43
CA GLU A 171 1.68 13.89 12.34
C GLU A 171 0.24 14.32 12.60
N ASN A 172 -0.71 13.59 12.00
CA ASN A 172 -2.14 13.82 12.21
C ASN A 172 -2.58 13.07 13.46
N GLY A 173 -2.29 13.67 14.62
CA GLY A 173 -2.64 13.09 15.91
C GLY A 173 -4.13 12.78 16.06
N PRO A 174 -5.01 13.73 15.63
CA PRO A 174 -6.46 13.44 15.80
C PRO A 174 -6.90 12.20 15.00
N SER A 175 -6.35 12.03 13.81
CA SER A 175 -6.71 10.89 12.98
C SER A 175 -6.15 9.59 13.57
N ARG A 176 -4.91 9.61 14.04
CA ARG A 176 -4.32 8.42 14.69
C ARG A 176 -5.14 8.03 15.90
N ARG A 177 -5.51 9.01 16.71
CA ARG A 177 -6.32 8.73 17.92
C ARG A 177 -7.68 8.18 17.55
N ALA A 178 -8.31 8.75 16.51
CA ALA A 178 -9.60 8.30 16.06
C ALA A 178 -9.54 6.85 15.59
N ALA A 179 -8.49 6.51 14.84
CA ALA A 179 -8.35 5.14 14.32
C ALA A 179 -8.25 4.15 15.50
N GLU A 180 -7.45 4.51 16.50
CA GLU A 180 -7.26 3.61 17.64
C GLU A 180 -8.56 3.48 18.42
N ARG A 181 -9.27 4.59 18.59
CA ARG A 181 -10.54 4.57 19.34
C ARG A 181 -11.55 3.66 18.63
N PHE A 182 -11.55 3.73 17.30
CA PHE A 182 -12.49 2.99 16.46
C PHE A 182 -12.17 1.50 16.38
N GLY A 183 -10.98 1.13 16.86
CA GLY A 183 -10.58 -0.28 16.95
C GLY A 183 -9.58 -0.74 15.94
N PHE A 184 -9.14 0.18 15.07
CA PHE A 184 -8.08 -0.16 14.13
C PHE A 184 -6.75 -0.34 14.87
N ARG A 185 -5.94 -1.32 14.46
CA ARG A 185 -4.68 -1.60 15.12
CA ARG A 185 -4.67 -1.61 15.12
C ARG A 185 -3.52 -1.08 14.29
N PHE A 186 -2.62 -0.37 14.95
CA PHE A 186 -1.45 0.19 14.32
C PHE A 186 -0.55 -0.90 13.80
N GLU A 187 -0.13 -0.75 12.55
CA GLU A 187 0.74 -1.70 11.88
C GLU A 187 2.11 -1.16 11.54
N GLY A 188 2.26 0.15 11.40
CA GLY A 188 3.55 0.72 11.06
C GLY A 188 3.49 1.98 10.23
N ILE A 189 4.65 2.55 9.99
CA ILE A 189 4.77 3.82 9.29
C ILE A 189 5.59 3.66 8.02
N PHE A 190 5.05 4.08 6.89
CA PHE A 190 5.80 4.11 5.65
C PHE A 190 6.51 5.44 5.62
N ARG A 191 7.84 5.38 5.65
CA ARG A 191 8.66 6.58 5.72
C ARG A 191 8.79 7.18 4.34
N GLN A 192 8.62 8.50 4.26
CA GLN A 192 8.68 9.23 2.99
C GLN A 192 7.73 8.64 1.93
N HIS A 193 6.51 8.35 2.35
CA HIS A 193 5.50 7.74 1.51
C HIS A 193 4.96 8.70 0.47
N MET A 194 4.80 9.95 0.86
CA MET A 194 4.27 10.99 -0.03
C MET A 194 4.91 12.34 0.21
N VAL A 195 4.75 13.20 -0.78
CA VAL A 195 4.96 14.65 -0.64
C VAL A 195 3.58 15.28 -0.79
N VAL A 196 3.12 15.95 0.26
CA VAL A 196 1.79 16.55 0.29
C VAL A 196 1.94 18.03 0.72
N LYS A 197 1.40 18.93 -0.10
CA LYS A 197 1.38 20.37 0.22
C LYS A 197 2.80 20.87 0.51
N GLY A 198 3.74 20.41 -0.30
CA GLY A 198 5.12 20.85 -0.19
C GLY A 198 5.93 20.31 0.97
N ARG A 199 5.40 19.30 1.67
CA ARG A 199 6.07 18.75 2.85
C ARG A 199 6.13 17.22 2.78
N ASN A 200 7.09 16.64 3.49
CA ASN A 200 7.16 15.19 3.64
C ASN A 200 5.92 14.63 4.35
N ARG A 201 5.50 13.44 3.94
CA ARG A 201 4.52 12.67 4.69
C ARG A 201 5.01 11.24 4.88
N ASP A 202 5.18 10.87 6.13
CA ASP A 202 5.29 9.48 6.53
C ASP A 202 3.84 9.03 6.82
N THR A 203 3.45 7.84 6.37
CA THR A 203 2.06 7.42 6.53
C THR A 203 1.96 6.38 7.60
N ALA A 204 1.08 6.62 8.56
CA ALA A 204 0.75 5.65 9.60
C ALA A 204 -0.41 4.77 9.15
N TRP A 205 -0.26 3.45 9.31
CA TRP A 205 -1.21 2.44 8.82
C TRP A 205 -1.83 1.71 9.96
N PHE A 206 -3.14 1.48 9.82
CA PHE A 206 -3.90 0.76 10.81
C PHE A 206 -4.91 -0.17 10.10
N SER A 207 -5.36 -1.24 10.77
CA SER A 207 -6.37 -2.14 10.18
C SER A 207 -7.32 -2.78 11.20
N VAL A 208 -8.47 -3.21 10.71
CA VAL A 208 -9.37 -4.06 11.41
C VAL A 208 -9.51 -5.31 10.54
N LEU A 209 -9.42 -6.48 11.17
CA LEU A 209 -9.58 -7.73 10.44
C LEU A 209 -11.02 -8.24 10.51
N ASP A 210 -11.42 -9.05 9.52
CA ASP A 210 -12.72 -9.72 9.61
C ASP A 210 -12.90 -10.49 10.92
N SER A 211 -11.85 -11.13 11.39
CA SER A 211 -11.94 -11.92 12.62
C SER A 211 -12.25 -11.04 13.86
N GLU A 212 -11.89 -9.77 13.78
CA GLU A 212 -12.09 -8.83 14.90
C GLU A 212 -13.47 -8.19 14.87
N TRP A 213 -14.15 -8.28 13.74
CA TRP A 213 -15.39 -7.53 13.53
C TRP A 213 -16.55 -7.96 14.38
N PRO A 214 -16.79 -9.28 14.54
CA PRO A 214 -18.00 -9.59 15.31
C PRO A 214 -18.02 -8.98 16.71
N ALA A 215 -16.88 -9.00 17.41
CA ALA A 215 -16.81 -8.44 18.75
C ALA A 215 -16.88 -6.90 18.70
N LEU A 216 -16.20 -6.33 17.71
CA LEU A 216 -16.20 -4.88 17.53
C LEU A 216 -17.61 -4.33 17.20
N LYS A 217 -18.35 -5.05 16.36
CA LYS A 217 -19.72 -4.69 16.06
C LYS A 217 -20.55 -4.51 17.32
N GLN A 218 -20.42 -5.44 18.25
CA GLN A 218 -21.19 -5.37 19.47
C GLN A 218 -20.83 -4.15 20.33
N ALA A 219 -19.56 -3.80 20.32
CA ALA A 219 -19.11 -2.65 21.11
C ALA A 219 -19.68 -1.38 20.53
N TYR A 220 -19.68 -1.26 19.20
CA TYR A 220 -20.28 -0.10 18.55
C TYR A 220 -21.78 -0.02 18.84
N GLN A 221 -22.47 -1.15 18.75
CA GLN A 221 -23.92 -1.16 19.04
C GLN A 221 -24.22 -0.72 20.45
N ALA A 222 -23.43 -1.20 21.40
CA ALA A 222 -23.56 -0.75 22.80
C ALA A 222 -23.34 0.75 22.97
N TRP A 223 -22.31 1.27 22.32
CA TRP A 223 -21.93 2.68 22.46
C TRP A 223 -22.96 3.60 21.84
N LEU A 224 -23.44 3.24 20.65
CA LEU A 224 -24.39 4.06 19.91
C LEU A 224 -25.83 4.01 20.42
N ALA A 225 -26.13 3.02 21.26
CA ALA A 225 -27.48 2.90 21.83
C ALA A 225 -27.89 4.17 22.58
N PRO A 226 -29.15 4.60 22.42
CA PRO A 226 -29.58 5.85 23.08
C PRO A 226 -29.42 5.82 24.58
N GLU A 227 -29.51 4.62 25.14
CA GLU A 227 -29.36 4.40 26.58
C GLU A 227 -27.96 4.74 27.09
N ASN A 228 -26.98 4.83 26.19
CA ASN A 228 -25.65 5.20 26.57
C ASN A 228 -25.40 6.71 26.62
N PHE A 229 -26.45 7.52 26.45
CA PHE A 229 -26.31 8.97 26.50
C PHE A 229 -27.30 9.54 27.50
N ASP A 230 -26.79 10.38 28.40
CA ASP A 230 -27.63 10.97 29.46
C ASP A 230 -28.51 12.08 28.88
N SER A 231 -29.32 12.72 29.72
CA SER A 231 -30.21 13.78 29.24
C SER A 231 -29.46 14.97 28.63
N ALA A 232 -28.21 15.22 29.05
CA ALA A 232 -27.37 16.28 28.46
C ALA A 232 -26.65 15.86 27.17
N GLY A 233 -26.89 14.63 26.70
CA GLY A 233 -26.25 14.14 25.48
C GLY A 233 -24.86 13.56 25.67
N GLN A 234 -24.41 13.46 26.94
CA GLN A 234 -23.06 12.96 27.25
C GLN A 234 -23.04 11.43 27.36
N GLN A 235 -22.02 10.80 26.79
CA GLN A 235 -21.89 9.34 26.89
C GLN A 235 -21.78 8.91 28.35
N LYS A 236 -22.32 7.73 28.65
CA LYS A 236 -22.19 7.16 29.97
C LYS A 236 -20.93 6.32 30.04
N LYS A 237 -20.65 5.60 28.95
CA LYS A 237 -19.44 4.80 28.82
C LYS A 237 -18.82 5.07 27.47
N THR A 238 -17.50 4.95 27.39
CA THR A 238 -16.82 5.26 26.13
C THR A 238 -16.78 4.06 25.19
N LEU A 239 -16.48 4.30 23.93
CA LEU A 239 -16.35 3.21 22.96
C LEU A 239 -15.25 2.22 23.40
N GLN A 240 -14.17 2.77 23.95
CA GLN A 240 -13.05 1.93 24.36
C GLN A 240 -13.46 1.06 25.55
N GLU A 241 -14.26 1.58 26.47
CA GLU A 241 -14.78 0.77 27.60
C GLU A 241 -15.62 -0.39 27.11
N PHE A 242 -16.48 -0.15 26.11
CA PHE A 242 -17.29 -1.23 25.58
C PHE A 242 -16.44 -2.27 24.84
N ARG A 243 -15.39 -1.81 24.15
CA ARG A 243 -14.46 -2.72 23.46
C ARG A 243 -13.70 -3.65 24.43
N ASP A 244 -13.41 -3.16 25.63
CA ASP A 244 -12.76 -3.96 26.67
C ASP A 244 -13.61 -5.11 27.14
N LEU A 245 -14.92 -4.87 27.24
CA LEU A 245 -15.94 -5.91 27.41
C LEU A 245 -16.13 -6.79 26.15
N ASP B 24 13.77 21.73 0.63
CA ASP B 24 13.77 21.26 -0.79
C ASP B 24 12.35 20.90 -1.25
N LEU B 25 11.55 20.35 -0.33
CA LEU B 25 10.29 19.71 -0.73
C LEU B 25 9.18 20.66 -1.18
N GLN B 26 9.29 21.96 -0.88
CA GLN B 26 8.36 22.96 -1.40
C GLN B 26 8.41 23.02 -2.92
N ASN B 27 9.56 22.69 -3.52
CA ASN B 27 9.69 22.69 -4.98
C ASN B 27 9.61 21.32 -5.65
N TRP B 28 9.33 20.30 -4.85
CA TRP B 28 9.24 18.93 -5.36
C TRP B 28 8.25 18.84 -6.50
N THR B 29 8.62 18.12 -7.55
CA THR B 29 7.71 17.79 -8.65
C THR B 29 7.82 16.32 -9.02
N PRO B 30 6.84 15.80 -9.80
CA PRO B 30 6.93 14.38 -10.13
C PRO B 30 8.26 13.98 -10.77
N ARG B 31 8.71 12.76 -10.46
CA ARG B 31 9.94 12.23 -11.03
C ARG B 31 9.61 11.46 -12.30
N PRO B 32 10.63 11.18 -13.13
CA PRO B 32 10.35 10.37 -14.32
C PRO B 32 9.87 8.95 -14.01
N LYS B 33 9.15 8.36 -14.96
CA LYS B 33 8.79 6.95 -14.92
C LYS B 33 10.04 6.16 -15.29
N PRO B 34 10.15 4.90 -14.80
CA PRO B 34 11.22 4.01 -15.24
C PRO B 34 11.06 3.65 -16.72
N GLU B 35 12.16 3.31 -17.37
CA GLU B 35 12.15 2.99 -18.79
C GLU B 35 12.71 1.61 -19.05
N ARG B 36 12.35 1.05 -20.20
CA ARG B 36 12.91 -0.23 -20.65
C ARG B 36 14.35 0.03 -21.09
N LYS B 37 15.27 0.03 -20.12
CA LYS B 37 16.68 0.25 -20.38
C LYS B 37 17.45 -1.06 -20.18
N ILE B 38 18.62 -1.17 -20.82
CA ILE B 38 19.54 -2.28 -20.52
C ILE B 38 20.43 -1.84 -19.36
N PHE B 39 20.62 -2.70 -18.35
CA PHE B 39 21.53 -2.45 -17.23
C PHE B 39 22.64 -3.48 -17.20
N GLU B 40 23.88 -3.02 -17.26
CA GLU B 40 25.04 -3.89 -17.37
C GLU B 40 25.91 -3.80 -16.11
N GLY B 41 26.16 -4.94 -15.47
CA GLY B 41 27.04 -5.00 -14.34
C GLY B 41 28.23 -5.90 -14.63
N ARG B 42 29.00 -6.21 -13.59
CA ARG B 42 30.13 -7.15 -13.70
C ARG B 42 29.68 -8.60 -13.79
N TYR B 43 28.65 -8.97 -13.03
CA TYR B 43 28.20 -10.36 -12.91
C TYR B 43 26.90 -10.65 -13.67
N VAL B 44 26.09 -9.62 -13.88
CA VAL B 44 24.72 -9.76 -14.35
C VAL B 44 24.39 -8.68 -15.38
N ARG B 45 23.45 -8.99 -16.27
CA ARG B 45 22.86 -8.03 -17.18
C ARG B 45 21.34 -8.08 -17.02
N LEU B 46 20.70 -6.91 -17.01
CA LEU B 46 19.25 -6.80 -16.96
C LEU B 46 18.78 -6.30 -18.31
N GLU B 47 17.88 -7.06 -18.94
CA GLU B 47 17.26 -6.67 -20.20
C GLU B 47 15.73 -6.58 -20.05
N PRO B 48 15.10 -5.56 -20.65
CA PRO B 48 13.65 -5.49 -20.62
C PRO B 48 13.06 -6.82 -21.10
N LEU B 49 12.12 -7.37 -20.35
CA LEU B 49 11.67 -8.73 -20.65
C LEU B 49 11.05 -8.77 -22.06
N ASN B 50 11.48 -9.72 -22.86
CA ASN B 50 10.99 -9.92 -24.25
C ASN B 50 10.76 -11.41 -24.50
N ALA B 51 9.53 -11.74 -24.91
CA ALA B 51 9.10 -13.10 -25.03
C ALA B 51 9.97 -13.92 -26.00
N GLN B 52 10.24 -13.36 -27.18
CA GLN B 52 11.02 -14.05 -28.21
C GLN B 52 12.48 -14.21 -27.79
N LYS B 53 13.06 -13.16 -27.20
CA LYS B 53 14.46 -13.22 -26.80
C LYS B 53 14.69 -14.09 -25.55
N HIS B 54 13.83 -13.96 -24.56
CA HIS B 54 14.07 -14.56 -23.23
C HIS B 54 13.23 -15.76 -22.90
N GLY B 55 12.20 -16.03 -23.69
CA GLY B 55 11.21 -17.04 -23.34
C GLY B 55 11.75 -18.43 -23.07
N ASP B 56 12.56 -18.94 -23.99
CA ASP B 56 13.07 -20.30 -23.84
C ASP B 56 13.97 -20.47 -22.63
N GLU B 57 14.92 -19.55 -22.45
CA GLU B 57 15.86 -19.66 -21.35
C GLU B 57 15.17 -19.34 -20.02
N LEU B 58 14.19 -18.44 -20.02
CA LEU B 58 13.48 -18.16 -18.75
C LEU B 58 12.58 -19.32 -18.40
N PHE B 59 12.00 -19.97 -19.41
CA PHE B 59 11.24 -21.19 -19.16
C PHE B 59 12.14 -22.21 -18.48
N ALA B 60 13.35 -22.39 -19.02
CA ALA B 60 14.31 -23.33 -18.47
C ALA B 60 14.59 -23.02 -16.99
N ALA B 61 14.94 -21.78 -16.73
CA ALA B 61 15.21 -21.32 -15.36
C ALA B 61 14.02 -21.55 -14.41
N SER B 62 12.82 -21.43 -14.95
CA SER B 62 11.58 -21.47 -14.16
C SER B 62 11.01 -22.89 -14.03
N SER B 63 11.68 -23.87 -14.62
CA SER B 63 11.18 -25.26 -14.62
C SER B 63 12.29 -26.23 -14.19
N VAL B 64 13.26 -25.72 -13.43
CA VAL B 64 14.31 -26.54 -12.84
C VAL B 64 13.69 -27.55 -11.86
N GLU B 65 14.49 -28.58 -11.52
CA GLU B 65 14.05 -29.69 -10.69
C GLU B 65 13.34 -29.27 -9.42
N ASP B 66 13.80 -28.21 -8.78
CA ASP B 66 13.19 -27.72 -7.54
C ASP B 66 12.44 -26.38 -7.75
N ALA B 67 11.85 -26.21 -8.93
CA ALA B 67 11.12 -24.97 -9.20
C ALA B 67 9.95 -24.79 -8.23
N GLU B 68 9.26 -25.88 -7.89
CA GLU B 68 8.08 -25.77 -7.00
C GLU B 68 8.46 -25.12 -5.68
N GLN B 69 9.55 -25.59 -5.06
CA GLN B 69 10.07 -24.96 -3.83
C GLN B 69 10.39 -23.49 -4.06
N ARG B 70 11.10 -23.19 -5.15
CA ARG B 70 11.50 -21.80 -5.43
C ARG B 70 10.32 -20.88 -5.67
N PHE B 71 9.20 -21.41 -6.15
CA PHE B 71 8.04 -20.58 -6.47
C PHE B 71 7.02 -20.50 -5.35
N THR B 72 7.30 -21.15 -4.21
CA THR B 72 6.32 -21.25 -3.10
C THR B 72 5.67 -19.92 -2.77
N TRP B 73 6.49 -18.89 -2.59
CA TRP B 73 6.01 -17.58 -2.12
C TRP B 73 5.71 -16.60 -3.20
N LEU B 74 5.98 -16.98 -4.46
CA LEU B 74 5.69 -16.11 -5.60
C LEU B 74 4.20 -16.16 -5.91
N PHE B 75 3.71 -15.20 -6.67
CA PHE B 75 2.30 -15.21 -7.09
C PHE B 75 2.07 -16.29 -8.15
N GLU B 76 3.11 -16.61 -8.92
CA GLU B 76 2.99 -17.58 -10.01
C GLU B 76 3.31 -19.01 -9.51
N THR B 77 2.93 -19.99 -10.31
CA THR B 77 3.41 -21.34 -10.12
C THR B 77 4.32 -21.64 -11.30
N PRO B 78 5.26 -22.58 -11.14
CA PRO B 78 6.17 -22.88 -12.22
C PRO B 78 5.42 -23.40 -13.43
N PRO B 79 5.89 -23.05 -14.64
CA PRO B 79 5.26 -23.57 -15.84
C PRO B 79 5.52 -25.06 -16.03
N ALA B 80 4.49 -25.81 -16.37
CA ALA B 80 4.60 -27.26 -16.58
C ALA B 80 5.23 -27.59 -17.95
N THR B 81 4.96 -26.73 -18.94
CA THR B 81 5.49 -26.89 -20.29
C THR B 81 5.83 -25.52 -20.84
N ARG B 82 6.66 -25.49 -21.88
CA ARG B 82 6.98 -24.26 -22.56
C ARG B 82 5.77 -23.55 -23.13
N ALA B 83 4.86 -24.31 -23.75
CA ALA B 83 3.64 -23.73 -24.28
C ALA B 83 2.81 -23.07 -23.18
N GLU B 84 2.75 -23.72 -22.00
CA GLU B 84 1.93 -23.20 -20.90
C GLU B 84 2.50 -21.93 -20.29
N PHE B 85 3.79 -21.68 -20.53
CA PHE B 85 4.48 -20.50 -20.01
C PHE B 85 4.16 -19.24 -20.83
N GLU B 86 3.78 -19.44 -22.09
CA GLU B 86 3.66 -18.32 -23.00
C GLU B 86 2.69 -17.20 -22.57
N PRO B 87 1.50 -17.55 -22.07
CA PRO B 87 0.59 -16.46 -21.68
C PRO B 87 1.16 -15.52 -20.62
N TRP B 88 1.71 -16.10 -19.55
CA TRP B 88 2.36 -15.27 -18.51
C TRP B 88 3.50 -14.48 -19.07
N LEU B 89 4.30 -15.10 -19.91
CA LEU B 89 5.46 -14.46 -20.49
C LEU B 89 5.06 -13.25 -21.34
N ASP B 90 4.07 -13.44 -22.20
CA ASP B 90 3.59 -12.34 -23.05
C ASP B 90 3.03 -11.18 -22.23
N LYS B 91 2.21 -11.47 -21.24
CA LYS B 91 1.64 -10.42 -20.40
C LYS B 91 2.75 -9.66 -19.66
N ALA B 92 3.69 -10.41 -19.09
CA ALA B 92 4.82 -9.82 -18.36
C ALA B 92 5.71 -8.95 -19.25
N SER B 93 5.97 -9.41 -20.48
CA SER B 93 6.81 -8.67 -21.43
C SER B 93 6.17 -7.33 -21.85
N LYS B 94 4.85 -7.33 -22.00
CA LYS B 94 4.08 -6.15 -22.41
C LYS B 94 3.73 -5.20 -21.24
N SER B 95 3.71 -5.72 -20.01
CA SER B 95 3.30 -4.96 -18.82
C SER B 95 4.14 -3.69 -18.58
N ASP B 96 3.51 -2.59 -18.19
CA ASP B 96 4.28 -1.39 -17.81
C ASP B 96 4.42 -1.27 -16.28
N ASP B 97 3.51 -1.93 -15.56
CA ASP B 97 3.61 -2.01 -14.11
C ASP B 97 2.93 -3.30 -13.67
N PRO B 98 3.69 -4.33 -13.27
CA PRO B 98 5.15 -4.32 -13.12
C PRO B 98 5.88 -4.18 -14.44
N LEU B 99 7.05 -3.56 -14.39
CA LEU B 99 7.95 -3.45 -15.52
C LEU B 99 9.02 -4.52 -15.36
N PHE B 100 8.93 -5.55 -16.20
CA PHE B 100 9.78 -6.72 -16.05
C PHE B 100 11.08 -6.64 -16.80
N PHE B 101 12.09 -7.23 -16.16
CA PHE B 101 13.42 -7.41 -16.73
C PHE B 101 13.86 -8.85 -16.60
N ALA B 102 14.46 -9.39 -17.66
CA ALA B 102 15.17 -10.65 -17.57
C ALA B 102 16.48 -10.38 -16.87
N VAL B 103 16.89 -11.33 -16.03
CA VAL B 103 18.15 -11.25 -15.31
C VAL B 103 19.08 -12.28 -15.95
N ILE B 104 20.11 -11.79 -16.63
CA ILE B 104 21.03 -12.63 -17.38
C ILE B 104 22.34 -12.86 -16.62
N ASP B 105 22.67 -14.10 -16.36
CA ASP B 105 23.93 -14.45 -15.71
C ASP B 105 25.04 -14.32 -16.74
N LYS B 106 25.96 -13.39 -16.50
CA LYS B 106 26.97 -13.07 -17.53
C LYS B 106 27.95 -14.22 -17.73
N ALA B 107 28.29 -14.93 -16.65
CA ALA B 107 29.24 -16.04 -16.74
C ALA B 107 28.79 -17.10 -17.74
N SER B 108 27.50 -17.45 -17.72
CA SER B 108 26.93 -18.43 -18.65
C SER B 108 26.31 -17.81 -19.89
N GLY B 109 26.03 -16.52 -19.85
CA GLY B 109 25.24 -15.87 -20.89
C GLY B 109 23.75 -16.21 -20.90
N LYS B 110 23.28 -16.97 -19.91
CA LYS B 110 21.90 -17.49 -19.88
C LYS B 110 20.99 -16.62 -19.02
N VAL B 111 19.72 -16.53 -19.41
CA VAL B 111 18.70 -15.93 -18.55
C VAL B 111 18.61 -16.80 -17.31
N ALA B 112 18.71 -16.17 -16.15
CA ALA B 112 18.75 -16.89 -14.89
C ALA B 112 17.52 -16.62 -14.02
N GLY B 113 16.75 -15.62 -14.38
CA GLY B 113 15.57 -15.25 -13.61
C GLY B 113 14.94 -14.01 -14.15
N ARG B 114 14.11 -13.39 -13.31
CA ARG B 114 13.44 -12.17 -13.73
C ARG B 114 13.08 -11.35 -12.48
N GLN B 115 12.82 -10.06 -12.68
CA GLN B 115 12.45 -9.15 -11.60
C GLN B 115 11.77 -7.93 -12.19
N ALA B 116 11.15 -7.08 -11.36
CA ALA B 116 10.42 -5.94 -11.87
C ALA B 116 10.48 -4.75 -10.96
N LEU B 117 10.39 -3.57 -11.57
CA LEU B 117 10.04 -2.33 -10.88
C LEU B 117 8.54 -2.23 -10.95
N MET B 118 7.89 -1.99 -9.82
CA MET B 118 6.43 -2.07 -9.75
C MET B 118 5.86 -1.13 -8.71
N ARG B 119 4.55 -1.03 -8.69
CA ARG B 119 3.84 -0.06 -7.84
C ARG B 119 4.52 1.30 -7.96
N ILE B 120 4.64 1.70 -9.23
CA ILE B 120 5.39 2.88 -9.63
C ILE B 120 4.56 4.14 -9.29
N ASP B 121 5.15 5.04 -8.50
CA ASP B 121 4.49 6.29 -8.09
C ASP B 121 5.43 7.45 -8.36
N PRO B 122 5.45 7.91 -9.63
CA PRO B 122 6.31 9.05 -9.99
C PRO B 122 5.98 10.34 -9.22
N ALA B 123 4.71 10.57 -8.92
CA ALA B 123 4.29 11.80 -8.23
C ALA B 123 5.01 11.99 -6.92
N ASN B 124 5.13 10.91 -6.16
CA ASN B 124 5.79 10.96 -4.86
C ASN B 124 7.20 10.36 -4.86
N GLY B 125 7.66 9.88 -6.02
CA GLY B 125 8.97 9.25 -6.12
C GLY B 125 9.06 7.98 -5.28
N VAL B 126 8.06 7.11 -5.39
CA VAL B 126 8.07 5.83 -4.62
C VAL B 126 7.99 4.68 -5.61
N ILE B 127 8.75 3.61 -5.37
CA ILE B 127 8.73 2.48 -6.28
C ILE B 127 9.17 1.23 -5.53
N GLU B 128 8.80 0.08 -6.07
CA GLU B 128 9.12 -1.23 -5.45
C GLU B 128 9.93 -2.11 -6.39
N ILE B 129 10.90 -2.84 -5.82
CA ILE B 129 11.50 -3.98 -6.52
C ILE B 129 10.72 -5.21 -6.10
N GLY B 130 10.07 -5.89 -7.04
CA GLY B 130 9.31 -7.09 -6.71
C GLY B 130 9.26 -8.05 -7.90
N SER B 131 8.32 -8.98 -7.81
CA SER B 131 8.17 -10.02 -8.81
CA SER B 131 8.16 -10.11 -8.73
C SER B 131 9.52 -10.75 -9.02
N ILE B 132 10.27 -10.94 -7.96
CA ILE B 132 11.64 -11.51 -8.07
C ILE B 132 11.63 -13.02 -8.17
N TYR B 133 12.24 -13.55 -9.24
CA TYR B 133 12.62 -14.94 -9.27
C TYR B 133 14.07 -15.02 -9.72
N TRP B 134 14.94 -15.40 -8.79
CA TRP B 134 16.35 -15.62 -9.05
C TRP B 134 16.65 -17.09 -8.93
N GLY B 135 16.83 -17.73 -10.09
CA GLY B 135 17.03 -19.15 -10.14
C GLY B 135 18.43 -19.60 -9.74
N PRO B 136 18.66 -20.90 -9.82
CA PRO B 136 19.89 -21.51 -9.31
C PRO B 136 21.19 -21.00 -9.92
N LEU B 137 21.16 -20.46 -11.14
CA LEU B 137 22.38 -19.94 -11.72
C LEU B 137 22.90 -18.74 -10.95
N ILE B 138 22.01 -18.00 -10.28
CA ILE B 138 22.43 -16.78 -9.61
C ILE B 138 22.06 -16.68 -8.14
N SER B 139 21.19 -17.57 -7.65
CA SER B 139 20.67 -17.48 -6.29
C SER B 139 21.84 -17.59 -5.30
N ARG B 140 21.94 -16.66 -4.36
CA ARG B 140 23.05 -16.64 -3.41
C ARG B 140 24.45 -16.48 -4.03
N ARG B 141 24.54 -15.95 -5.26
CA ARG B 141 25.80 -15.59 -5.89
C ARG B 141 25.81 -14.06 -6.13
N PRO B 142 26.99 -13.50 -6.41
CA PRO B 142 27.08 -12.07 -6.59
C PRO B 142 26.13 -11.47 -7.66
N ALA B 143 25.82 -12.24 -8.70
CA ALA B 143 24.87 -11.80 -9.74
C ALA B 143 23.53 -11.36 -9.16
N ALA B 144 23.00 -12.11 -8.18
CA ALA B 144 21.71 -11.79 -7.55
C ALA B 144 21.78 -10.47 -6.77
N THR B 145 22.87 -10.29 -6.03
CA THR B 145 23.06 -9.04 -5.30
C THR B 145 23.18 -7.88 -6.30
N GLU B 146 23.94 -8.08 -7.38
CA GLU B 146 24.10 -7.02 -8.37
C GLU B 146 22.80 -6.71 -9.14
N ALA B 147 21.93 -7.72 -9.35
CA ALA B 147 20.62 -7.49 -9.96
C ALA B 147 19.79 -6.49 -9.16
N GLN B 148 19.83 -6.65 -7.84
CA GLN B 148 19.14 -5.76 -6.91
C GLN B 148 19.79 -4.36 -6.97
N PHE B 149 21.14 -4.35 -6.87
CA PHE B 149 21.93 -3.13 -6.88
C PHE B 149 21.65 -2.27 -8.10
N LEU B 150 21.62 -2.88 -9.27
CA LEU B 150 21.40 -2.12 -10.49
C LEU B 150 20.06 -1.38 -10.51
N PHE B 151 18.99 -2.02 -10.00
CA PHE B 151 17.71 -1.33 -9.85
C PHE B 151 17.81 -0.20 -8.84
N MET B 152 18.45 -0.47 -7.70
CA MET B 152 18.49 0.53 -6.62
C MET B 152 19.24 1.77 -7.08
N GLN B 153 20.34 1.52 -7.78
CA GLN B 153 21.16 2.60 -8.32
C GLN B 153 20.38 3.46 -9.32
N TYR B 154 19.63 2.79 -10.19
CA TYR B 154 18.84 3.47 -11.23
C TYR B 154 17.76 4.34 -10.60
N VAL B 155 17.08 3.76 -9.61
CA VAL B 155 16.00 4.39 -8.91
C VAL B 155 16.46 5.68 -8.20
N PHE B 156 17.64 5.64 -7.57
CA PHE B 156 18.12 6.78 -6.80
C PHE B 156 18.99 7.73 -7.59
N ASP B 157 20.04 7.22 -8.24
CA ASP B 157 20.94 8.10 -8.98
C ASP B 157 20.38 8.61 -10.30
N VAL B 158 19.51 7.85 -10.95
CA VAL B 158 18.98 8.31 -12.26
C VAL B 158 17.58 8.89 -12.12
N LEU B 159 16.64 8.13 -11.57
CA LEU B 159 15.25 8.60 -11.44
C LEU B 159 15.05 9.63 -10.32
N GLY B 160 15.89 9.61 -9.31
CA GLY B 160 15.82 10.56 -8.19
C GLY B 160 14.64 10.32 -7.28
N TYR B 161 14.29 9.04 -7.09
CA TYR B 161 13.17 8.70 -6.20
C TYR B 161 13.55 8.86 -4.71
N ARG B 162 12.52 8.87 -3.84
CA ARG B 162 12.67 9.16 -2.42
C ARG B 162 12.61 7.90 -1.55
N ARG B 163 11.95 6.87 -2.07
CA ARG B 163 11.58 5.68 -1.28
C ARG B 163 11.53 4.47 -2.19
N TYR B 164 12.26 3.43 -1.78
CA TYR B 164 12.43 2.19 -2.57
C TYR B 164 11.99 1.02 -1.68
N GLU B 165 10.97 0.30 -2.14
CA GLU B 165 10.30 -0.65 -1.27
C GLU B 165 10.59 -2.11 -1.59
N TRP B 166 10.50 -2.92 -0.54
CA TRP B 166 10.50 -4.38 -0.61
C TRP B 166 9.34 -4.89 0.20
N GLU B 167 8.54 -5.80 -0.35
CA GLU B 167 7.46 -6.45 0.42
C GLU B 167 7.49 -7.93 0.10
N CYS B 168 7.20 -8.72 1.11
CA CYS B 168 7.12 -10.16 0.99
C CYS B 168 6.16 -10.72 2.03
N HIS B 169 5.78 -11.98 1.85
CA HIS B 169 5.04 -12.72 2.85
CA HIS B 169 5.04 -12.74 2.87
C HIS B 169 5.85 -12.68 4.13
N ASN B 170 5.19 -12.39 5.23
CA ASN B 170 5.86 -12.35 6.49
C ASN B 170 6.46 -13.73 6.88
N GLU B 171 5.88 -14.80 6.35
CA GLU B 171 6.39 -16.17 6.60
C GLU B 171 7.52 -16.56 5.64
N ASN B 172 7.80 -15.72 4.64
CA ASN B 172 8.89 -15.96 3.71
C ASN B 172 10.19 -15.48 4.38
N GLY B 173 10.77 -16.38 5.18
CA GLY B 173 11.98 -16.08 5.94
C GLY B 173 13.17 -15.65 5.07
N PRO B 174 13.46 -16.41 4.00
CA PRO B 174 14.58 -16.04 3.13
C PRO B 174 14.43 -14.63 2.50
N SER B 175 13.19 -14.25 2.13
CA SER B 175 12.94 -12.94 1.53
C SER B 175 13.14 -11.84 2.55
N ARG B 176 12.62 -12.03 3.77
CA ARG B 176 12.82 -11.05 4.81
C ARG B 176 14.30 -10.85 5.14
N ARG B 177 15.02 -11.96 5.26
CA ARG B 177 16.46 -11.90 5.55
C ARG B 177 17.21 -11.28 4.37
N ALA B 178 16.75 -11.51 3.15
CA ALA B 178 17.35 -10.91 1.96
C ALA B 178 17.19 -9.39 1.99
N ALA B 179 15.97 -8.94 2.32
CA ALA B 179 15.69 -7.51 2.42
C ALA B 179 16.60 -6.87 3.47
N GLU B 180 16.73 -7.51 4.63
CA GLU B 180 17.56 -6.98 5.72
C GLU B 180 19.03 -6.93 5.29
N ARG B 181 19.50 -7.99 4.65
CA ARG B 181 20.89 -8.06 4.15
C ARG B 181 21.15 -6.94 3.13
N PHE B 182 20.18 -6.70 2.26
CA PHE B 182 20.29 -5.69 1.23
C PHE B 182 20.27 -4.26 1.80
N GLY B 183 19.91 -4.13 3.08
CA GLY B 183 19.90 -2.84 3.78
C GLY B 183 18.54 -2.16 3.86
N PHE B 184 17.47 -2.84 3.42
CA PHE B 184 16.09 -2.30 3.59
C PHE B 184 15.78 -2.31 5.06
N ARG B 185 15.04 -1.31 5.54
CA ARG B 185 14.67 -1.21 6.94
CA ARG B 185 14.67 -1.21 6.96
C ARG B 185 13.22 -1.63 7.12
N PHE B 186 12.94 -2.53 8.06
CA PHE B 186 11.62 -2.94 8.34
C PHE B 186 10.77 -1.77 8.80
N GLU B 187 9.55 -1.73 8.29
CA GLU B 187 8.53 -0.76 8.68
C GLU B 187 7.32 -1.35 9.38
N GLY B 188 6.85 -2.53 8.94
CA GLY B 188 5.70 -3.12 9.56
C GLY B 188 5.08 -4.24 8.77
N ILE B 189 4.04 -4.85 9.37
CA ILE B 189 3.35 -5.99 8.80
C ILE B 189 1.85 -5.66 8.59
N PHE B 190 1.38 -5.76 7.34
CA PHE B 190 -0.01 -5.59 7.00
C PHE B 190 -0.66 -6.96 7.19
N ARG B 191 -1.47 -7.06 8.22
CA ARG B 191 -2.16 -8.31 8.54
C ARG B 191 -3.25 -8.60 7.48
N GLN B 192 -3.31 -9.84 6.99
CA GLN B 192 -4.32 -10.28 6.03
C GLN B 192 -4.35 -9.36 4.78
N HIS B 193 -3.16 -8.99 4.33
CA HIS B 193 -2.99 -8.12 3.17
C HIS B 193 -3.39 -8.78 1.87
N MET B 194 -3.17 -10.08 1.76
CA MET B 194 -3.50 -10.81 0.55
C MET B 194 -3.94 -12.24 0.89
N VAL B 195 -4.59 -12.86 -0.08
CA VAL B 195 -4.78 -14.30 -0.17
C VAL B 195 -4.00 -14.78 -1.40
N VAL B 196 -3.01 -15.64 -1.19
CA VAL B 196 -2.14 -16.11 -2.27
C VAL B 196 -2.12 -17.64 -2.24
N LYS B 197 -2.55 -18.22 -3.36
CA LYS B 197 -2.60 -19.68 -3.51
C LYS B 197 -3.34 -20.35 -2.37
N GLY B 198 -4.53 -19.81 -2.04
CA GLY B 198 -5.37 -20.41 -1.01
C GLY B 198 -4.89 -20.25 0.42
N ARG B 199 -3.92 -19.37 0.66
CA ARG B 199 -3.38 -19.15 2.00
C ARG B 199 -3.35 -17.67 2.34
N ASN B 200 -3.47 -17.38 3.63
CA ASN B 200 -3.32 -16.01 4.11
C ASN B 200 -1.92 -15.50 3.88
N ARG B 201 -1.81 -14.21 3.56
CA ARG B 201 -0.52 -13.54 3.53
C ARG B 201 -0.62 -12.29 4.36
N ASP B 202 0.19 -12.22 5.43
CA ASP B 202 0.50 -10.97 6.06
C ASP B 202 1.74 -10.45 5.36
N THR B 203 1.72 -9.18 4.94
CA THR B 203 2.86 -8.61 4.22
C THR B 203 3.79 -7.81 5.12
N ALA B 204 5.07 -8.20 5.13
CA ALA B 204 6.18 -7.46 5.73
C ALA B 204 6.69 -6.44 4.72
N TRP B 205 6.77 -5.19 5.17
CA TRP B 205 7.24 -4.03 4.40
C TRP B 205 8.55 -3.50 4.90
N PHE B 206 9.41 -3.14 3.95
CA PHE B 206 10.73 -2.60 4.23
C PHE B 206 11.00 -1.51 3.20
N SER B 207 11.90 -0.59 3.54
CA SER B 207 12.24 0.49 2.63
C SER B 207 13.67 0.96 2.77
N VAL B 208 14.16 1.50 1.66
CA VAL B 208 15.40 2.28 1.63
C VAL B 208 14.98 3.70 1.22
N LEU B 209 15.38 4.69 2.01
CA LEU B 209 15.17 6.11 1.70
C LEU B 209 16.32 6.69 0.92
N ASP B 210 16.05 7.75 0.17
CA ASP B 210 17.12 8.46 -0.56
C ASP B 210 18.30 8.86 0.35
N SER B 211 17.99 9.22 1.60
CA SER B 211 19.05 9.59 2.57
C SER B 211 19.92 8.41 3.02
N GLU B 212 19.41 7.18 2.86
CA GLU B 212 20.11 5.95 3.21
C GLU B 212 20.94 5.36 2.08
N TRP B 213 20.67 5.81 0.86
CA TRP B 213 21.26 5.23 -0.35
C TRP B 213 22.76 5.44 -0.43
N PRO B 214 23.25 6.65 -0.11
CA PRO B 214 24.70 6.82 -0.36
C PRO B 214 25.62 5.86 0.42
N ALA B 215 25.29 5.59 1.68
CA ALA B 215 26.09 4.64 2.47
C ALA B 215 25.90 3.22 1.96
N LEU B 216 24.68 2.88 1.56
CA LEU B 216 24.46 1.58 0.95
C LEU B 216 25.26 1.40 -0.33
N LYS B 217 25.23 2.41 -1.20
CA LYS B 217 25.95 2.34 -2.45
C LYS B 217 27.43 1.97 -2.21
N GLN B 218 28.07 2.64 -1.26
CA GLN B 218 29.49 2.37 -0.93
C GLN B 218 29.71 0.93 -0.49
N ALA B 219 28.79 0.40 0.32
CA ALA B 219 28.93 -0.95 0.87
C ALA B 219 28.74 -2.02 -0.21
N TYR B 220 27.78 -1.80 -1.11
CA TYR B 220 27.56 -2.73 -2.21
C TYR B 220 28.77 -2.71 -3.16
N GLN B 221 29.24 -1.51 -3.48
CA GLN B 221 30.37 -1.38 -4.42
C GLN B 221 31.59 -2.10 -3.85
N ALA B 222 31.80 -1.99 -2.55
CA ALA B 222 32.92 -2.65 -1.90
C ALA B 222 32.74 -4.17 -1.96
N TRP B 223 31.53 -4.65 -1.70
CA TRP B 223 31.23 -6.07 -1.70
C TRP B 223 31.31 -6.71 -3.07
N LEU B 224 30.88 -5.98 -4.09
CA LEU B 224 30.88 -6.46 -5.46
C LEU B 224 32.26 -6.42 -6.12
N ALA B 225 33.18 -5.68 -5.53
CA ALA B 225 34.52 -5.55 -6.11
C ALA B 225 35.17 -6.93 -6.26
N PRO B 226 35.90 -7.15 -7.39
CA PRO B 226 36.56 -8.44 -7.57
C PRO B 226 37.56 -8.75 -6.44
N GLU B 227 38.17 -7.72 -5.86
CA GLU B 227 38.99 -7.90 -4.66
C GLU B 227 38.30 -8.68 -3.53
N ASN B 228 36.97 -8.63 -3.46
CA ASN B 228 36.26 -9.29 -2.39
C ASN B 228 35.90 -10.77 -2.61
N PHE B 229 36.47 -11.40 -3.65
CA PHE B 229 36.18 -12.79 -3.97
C PHE B 229 37.50 -13.51 -4.22
N ASP B 230 37.68 -14.66 -3.60
CA ASP B 230 38.94 -15.41 -3.76
C ASP B 230 38.91 -16.23 -5.04
N SER B 231 39.96 -17.02 -5.30
CA SER B 231 40.05 -17.77 -6.56
C SER B 231 38.91 -18.80 -6.76
N ALA B 232 38.30 -19.23 -5.66
CA ALA B 232 37.13 -20.12 -5.71
C ALA B 232 35.82 -19.37 -5.90
N GLY B 233 35.87 -18.04 -5.97
CA GLY B 233 34.66 -17.22 -6.16
C GLY B 233 33.89 -16.97 -4.87
N GLN B 234 34.54 -17.26 -3.73
CA GLN B 234 33.90 -17.14 -2.41
C GLN B 234 34.17 -15.78 -1.81
N GLN B 235 33.14 -15.16 -1.24
CA GLN B 235 33.28 -13.84 -0.66
C GLN B 235 34.29 -13.84 0.49
N LYS B 236 35.03 -12.74 0.64
CA LYS B 236 35.97 -12.59 1.74
C LYS B 236 35.30 -11.94 2.95
N LYS B 237 34.40 -10.99 2.67
CA LYS B 237 33.54 -10.40 3.69
C LYS B 237 32.12 -10.34 3.15
N THR B 238 31.15 -10.35 4.06
CA THR B 238 29.75 -10.35 3.68
C THR B 238 29.23 -8.92 3.47
N LEU B 239 28.10 -8.79 2.80
CA LEU B 239 27.46 -7.49 2.56
C LEU B 239 27.08 -6.80 3.88
N GLN B 240 26.56 -7.55 4.84
CA GLN B 240 26.28 -6.99 6.17
C GLN B 240 27.55 -6.48 6.86
N GLU B 241 28.65 -7.21 6.68
CA GLU B 241 29.94 -6.79 7.24
C GLU B 241 30.38 -5.43 6.65
N PHE B 242 30.30 -5.27 5.34
CA PHE B 242 30.65 -3.98 4.72
C PHE B 242 29.74 -2.83 5.18
N ARG B 243 28.45 -3.12 5.32
CA ARG B 243 27.52 -2.12 5.80
C ARG B 243 27.86 -1.72 7.24
N ASP B 244 28.22 -2.71 8.06
CA ASP B 244 28.64 -2.44 9.43
C ASP B 244 29.87 -1.53 9.46
N LEU B 245 30.79 -1.76 8.53
CA LEU B 245 32.05 -1.04 8.50
C LEU B 245 31.88 0.43 8.12
N GLY B 246 30.90 0.74 7.31
CA GLY B 246 30.61 2.11 6.88
C GLY B 246 31.78 2.71 6.11
#